data_6YJ1
#
_entry.id   6YJ1
#
_cell.length_a   33.890
_cell.length_b   56.380
_cell.length_c   110.490
_cell.angle_alpha   90.000
_cell.angle_beta   92.840
_cell.angle_gamma   90.000
#
_symmetry.space_group_name_H-M   'P 1 21 1'
#
loop_
_entity.id
_entity.type
_entity.pdbx_description
1 polymer ORF007
2 non-polymer 'ZINC ION'
3 water water
#
_entity_poly.entity_id   1
_entity_poly.type   'polypeptide(L)'
_entity_poly.pdbx_seq_one_letter_code
;MHHHHHHVNSLEMLTAIDYLTKKGWKISSDPRTYDGYPKNYGYRNYHENGINYDEFCGGYHRAFDVYSNETNDVPAVTSG
TVIEANDYGNFGGTFVIRDANDNDWIYGHLQRGSMRFVVGDKVNQGDIIGLQGNSNYYDNPMSVHLHLQLRPKDAKKDEK
SQVCSGLAMEKYDITNLNAKQDKSKN
;
_entity_poly.pdbx_strand_id   A,B
#
loop_
_chem_comp.id
_chem_comp.type
_chem_comp.name
_chem_comp.formula
ZN non-polymer 'ZINC ION' 'Zn 2'
#
# COMPACT_ATOMS: atom_id res chain seq x y z
N MET A 13 -12.60 3.16 -14.75
CA MET A 13 -12.71 2.57 -13.42
C MET A 13 -12.56 1.05 -13.46
N LEU A 14 -11.77 0.51 -12.53
CA LEU A 14 -11.57 -0.92 -12.40
C LEU A 14 -12.23 -1.42 -11.12
N THR A 15 -13.09 -2.43 -11.25
CA THR A 15 -13.67 -3.08 -10.08
C THR A 15 -12.98 -4.41 -9.80
N ALA A 16 -13.21 -4.92 -8.59
CA ALA A 16 -12.73 -6.24 -8.23
C ALA A 16 -13.27 -7.30 -9.16
N ILE A 17 -14.49 -7.10 -9.65
CA ILE A 17 -15.09 -8.01 -10.61
C ILE A 17 -14.36 -7.93 -11.95
N ASP A 18 -14.16 -6.73 -12.47
CA ASP A 18 -13.38 -6.59 -13.69
C ASP A 18 -12.04 -7.28 -13.55
N TYR A 19 -11.37 -7.03 -12.43
CA TYR A 19 -10.11 -7.67 -12.12
C TYR A 19 -10.23 -9.19 -12.24
N LEU A 20 -11.30 -9.76 -11.68
CA LEU A 20 -11.35 -11.22 -11.67
C LEU A 20 -11.70 -11.79 -13.02
N THR A 21 -12.66 -11.19 -13.74
CA THR A 21 -13.03 -11.72 -15.06
C THR A 21 -11.89 -11.59 -16.08
N LYS A 22 -11.06 -10.57 -15.98
CA LYS A 22 -9.87 -10.52 -16.84
C LYS A 22 -8.91 -11.67 -16.56
N LYS A 23 -8.93 -12.23 -15.36
CA LYS A 23 -8.09 -13.38 -15.03
C LYS A 23 -8.84 -14.68 -15.18
N GLY A 24 -9.93 -14.71 -15.94
CA GLY A 24 -10.64 -15.93 -16.27
C GLY A 24 -11.68 -16.39 -15.26
N TRP A 25 -11.82 -15.73 -14.12
CA TRP A 25 -12.94 -16.01 -13.25
C TRP A 25 -14.24 -15.66 -13.94
N LYS A 26 -15.30 -16.37 -13.58
CA LYS A 26 -16.62 -16.12 -14.15
C LYS A 26 -17.61 -15.95 -13.02
N ILE A 27 -18.72 -15.27 -13.31
CA ILE A 27 -19.67 -14.84 -12.29
C ILE A 27 -20.84 -15.82 -12.26
N SER A 28 -21.06 -16.43 -11.09
CA SER A 28 -22.22 -17.27 -10.86
C SER A 28 -23.42 -16.52 -10.25
N SER A 29 -23.18 -15.45 -9.50
CA SER A 29 -24.30 -14.67 -8.96
C SER A 29 -23.91 -13.20 -8.90
N ASP A 30 -24.79 -12.37 -9.45
CA ASP A 30 -24.44 -11.03 -9.92
C ASP A 30 -25.60 -10.14 -9.49
N PRO A 31 -25.44 -9.35 -8.42
CA PRO A 31 -26.55 -8.53 -7.93
C PRO A 31 -27.10 -7.57 -8.96
N ARG A 32 -26.35 -7.27 -10.02
CA ARG A 32 -26.92 -6.45 -11.08
C ARG A 32 -28.01 -7.20 -11.84
N THR A 33 -28.16 -8.50 -11.61
CA THR A 33 -29.21 -9.29 -12.24
C THR A 33 -30.41 -9.52 -11.34
N TYR A 34 -30.34 -9.17 -10.06
CA TYR A 34 -31.47 -9.46 -9.20
C TYR A 34 -32.62 -8.54 -9.57
N ASP A 35 -33.85 -9.00 -9.30
CA ASP A 35 -35.02 -8.23 -9.71
C ASP A 35 -35.09 -6.94 -8.91
N GLY A 36 -35.38 -5.84 -9.60
CA GLY A 36 -35.50 -4.53 -8.98
C GLY A 36 -34.25 -3.67 -9.04
N TYR A 37 -33.12 -4.24 -9.47
CA TYR A 37 -31.87 -3.50 -9.49
C TYR A 37 -32.01 -2.23 -10.33
N PRO A 38 -31.53 -1.07 -9.84
CA PRO A 38 -30.64 -0.84 -8.68
C PRO A 38 -31.38 -0.76 -7.34
N LYS A 39 -32.71 -0.84 -7.33
CA LYS A 39 -33.40 -0.83 -6.07
C LYS A 39 -33.17 -2.15 -5.34
N ASN A 40 -33.34 -2.13 -4.02
CA ASN A 40 -33.40 -3.34 -3.21
C ASN A 40 -32.13 -4.19 -3.37
N TYR A 41 -30.98 -3.54 -3.25
CA TYR A 41 -29.69 -4.13 -3.61
C TYR A 41 -29.43 -5.47 -2.91
N GLY A 42 -28.96 -6.44 -3.69
CA GLY A 42 -28.62 -7.74 -3.17
C GLY A 42 -29.79 -8.66 -2.88
N TYR A 43 -31.02 -8.27 -3.20
CA TYR A 43 -32.15 -9.14 -2.86
C TYR A 43 -32.16 -10.37 -3.77
N ARG A 44 -31.82 -11.52 -3.22
CA ARG A 44 -31.64 -12.67 -4.08
C ARG A 44 -32.56 -13.81 -3.72
N ASN A 45 -32.68 -14.15 -2.44
CA ASN A 45 -33.59 -15.20 -1.99
C ASN A 45 -33.31 -16.51 -2.73
N TYR A 46 -32.06 -16.95 -2.71
CA TYR A 46 -31.67 -18.16 -3.40
C TYR A 46 -31.91 -19.36 -2.49
N HIS A 47 -32.84 -20.20 -2.89
CA HIS A 47 -33.11 -21.43 -2.16
C HIS A 47 -33.42 -22.51 -3.17
N GLU A 48 -32.98 -23.72 -2.87
CA GLU A 48 -33.36 -24.87 -3.68
C GLU A 48 -33.13 -26.08 -2.82
N ASN A 49 -33.81 -27.17 -3.18
CA ASN A 49 -33.59 -28.48 -2.54
C ASN A 49 -33.60 -28.38 -1.02
N GLY A 50 -34.52 -27.61 -0.47
CA GLY A 50 -34.67 -27.48 0.96
C GLY A 50 -33.69 -26.57 1.68
N ILE A 51 -32.66 -26.06 1.02
CA ILE A 51 -31.72 -25.13 1.64
C ILE A 51 -32.08 -23.71 1.23
N ASN A 52 -32.25 -22.82 2.22
CA ASN A 52 -32.46 -21.39 1.97
C ASN A 52 -31.12 -20.69 2.15
N TYR A 53 -30.47 -20.33 1.04
CA TYR A 53 -29.07 -19.91 1.14
C TYR A 53 -28.91 -18.50 1.70
N ASP A 54 -29.90 -17.65 1.58
CA ASP A 54 -29.80 -16.30 2.11
C ASP A 54 -30.66 -16.11 3.36
N GLU A 55 -30.90 -17.18 4.10
CA GLU A 55 -31.81 -17.12 5.23
C GLU A 55 -31.31 -16.17 6.29
N PHE A 56 -30.03 -16.29 6.63
CA PHE A 56 -29.48 -15.48 7.70
C PHE A 56 -29.57 -14.00 7.40
N CYS A 57 -29.53 -13.63 6.11
CA CYS A 57 -29.56 -12.22 5.72
C CYS A 57 -30.93 -11.80 5.19
N GLY A 58 -31.99 -12.46 5.62
CA GLY A 58 -33.32 -12.08 5.15
C GLY A 58 -33.43 -12.08 3.64
N GLY A 59 -32.78 -13.04 2.98
CA GLY A 59 -32.77 -13.15 1.54
C GLY A 59 -31.74 -12.29 0.81
N TYR A 60 -30.94 -11.50 1.50
CA TYR A 60 -30.05 -10.57 0.82
C TYR A 60 -28.68 -11.19 0.57
N HIS A 61 -28.10 -10.87 -0.60
CA HIS A 61 -26.78 -11.39 -0.97
C HIS A 61 -26.02 -10.21 -1.56
N ARG A 62 -25.41 -9.41 -0.68
CA ARG A 62 -24.83 -8.14 -1.11
C ARG A 62 -23.39 -8.34 -1.55
N ALA A 63 -23.21 -9.13 -2.61
CA ALA A 63 -21.92 -9.76 -2.88
C ALA A 63 -21.96 -10.46 -4.23
N PHE A 64 -20.78 -10.86 -4.68
CA PHE A 64 -20.61 -11.58 -5.93
C PHE A 64 -20.13 -12.99 -5.63
N ASP A 65 -20.81 -13.98 -6.20
CA ASP A 65 -20.30 -15.34 -6.28
C ASP A 65 -19.62 -15.50 -7.63
N VAL A 66 -18.34 -15.88 -7.62
CA VAL A 66 -17.58 -16.08 -8.85
C VAL A 66 -16.90 -17.43 -8.78
N TYR A 67 -16.46 -17.94 -9.92
CA TYR A 67 -15.79 -19.23 -9.91
C TYR A 67 -14.77 -19.31 -11.05
N SER A 68 -13.92 -20.33 -10.95
CA SER A 68 -12.89 -20.61 -11.95
C SER A 68 -12.83 -22.11 -12.23
N ASN A 69 -12.82 -22.48 -13.51
CA ASN A 69 -12.46 -23.84 -13.90
C ASN A 69 -10.98 -24.02 -14.12
N GLU A 70 -10.25 -22.93 -14.39
CA GLU A 70 -8.86 -23.05 -14.77
C GLU A 70 -7.98 -23.39 -13.57
N THR A 71 -8.07 -22.65 -12.46
CA THR A 71 -7.30 -22.99 -11.26
C THR A 71 -8.12 -22.66 -10.01
N ASN A 72 -7.50 -22.92 -8.85
CA ASN A 72 -8.15 -22.68 -7.57
C ASN A 72 -7.43 -21.68 -6.66
N ASP A 73 -6.29 -21.12 -7.07
CA ASP A 73 -5.68 -20.07 -6.27
C ASP A 73 -6.56 -18.83 -6.28
N VAL A 74 -6.91 -18.31 -5.12
CA VAL A 74 -7.76 -17.12 -5.00
C VAL A 74 -6.86 -15.88 -4.85
N PRO A 75 -6.89 -14.97 -5.80
CA PRO A 75 -6.03 -13.79 -5.68
C PRO A 75 -6.69 -12.71 -4.83
N ALA A 76 -5.88 -12.05 -4.00
CA ALA A 76 -6.34 -10.84 -3.33
C ALA A 76 -6.68 -9.78 -4.35
N VAL A 77 -7.89 -9.23 -4.27
CA VAL A 77 -8.30 -8.30 -5.31
C VAL A 77 -7.82 -6.89 -5.01
N THR A 78 -7.56 -6.59 -3.75
CA THR A 78 -6.87 -5.37 -3.36
C THR A 78 -5.77 -5.72 -2.35
N SER A 79 -4.88 -4.77 -2.14
CA SER A 79 -3.92 -4.84 -1.06
C SER A 79 -4.59 -4.50 0.27
N GLY A 80 -3.93 -4.85 1.35
CA GLY A 80 -4.43 -4.48 2.65
C GLY A 80 -3.95 -5.43 3.71
N THR A 81 -4.68 -5.43 4.81
CA THR A 81 -4.30 -6.12 6.03
C THR A 81 -5.32 -7.20 6.34
N VAL A 82 -4.83 -8.39 6.68
CA VAL A 82 -5.69 -9.52 7.03
C VAL A 82 -6.24 -9.28 8.42
N ILE A 83 -7.56 -9.22 8.53
CA ILE A 83 -8.21 -9.03 9.83
C ILE A 83 -9.01 -10.25 10.27
N GLU A 84 -9.23 -11.23 9.39
CA GLU A 84 -9.91 -12.47 9.73
C GLU A 84 -9.40 -13.56 8.81
N ALA A 85 -8.99 -14.71 9.40
CA ALA A 85 -8.53 -15.87 8.62
C ALA A 85 -9.05 -17.10 9.35
N ASN A 86 -10.34 -17.36 9.17
CA ASN A 86 -11.07 -18.31 9.99
C ASN A 86 -11.52 -19.48 9.13
N ASP A 87 -11.12 -20.70 9.52
CA ASP A 87 -11.57 -21.90 8.82
C ASP A 87 -13.03 -22.18 9.07
N TYR A 88 -13.60 -21.68 10.16
CA TYR A 88 -14.97 -21.96 10.56
C TYR A 88 -15.71 -20.66 10.81
N GLY A 89 -15.59 -19.71 9.89
CA GLY A 89 -16.31 -18.46 9.99
C GLY A 89 -17.73 -18.62 9.48
N ASN A 90 -18.43 -17.49 9.36
CA ASN A 90 -19.81 -17.55 8.93
C ASN A 90 -19.98 -17.97 7.47
N PHE A 91 -18.95 -17.76 6.64
CA PHE A 91 -18.92 -18.20 5.25
C PHE A 91 -18.01 -19.41 5.06
N GLY A 92 -18.10 -20.39 5.95
CA GLY A 92 -17.12 -21.47 5.96
C GLY A 92 -15.74 -20.92 6.21
N GLY A 93 -14.77 -21.36 5.42
CA GLY A 93 -13.44 -20.79 5.41
C GLY A 93 -13.49 -19.35 4.96
N THR A 94 -13.27 -18.44 5.90
CA THR A 94 -13.53 -17.02 5.72
C THR A 94 -12.22 -16.24 5.87
N PHE A 95 -11.88 -15.47 4.85
CA PHE A 95 -10.66 -14.66 4.84
C PHE A 95 -11.06 -13.23 4.55
N VAL A 96 -10.61 -12.29 5.38
CA VAL A 96 -11.03 -10.91 5.23
C VAL A 96 -9.82 -10.01 5.17
N ILE A 97 -9.79 -9.16 4.13
CA ILE A 97 -8.78 -8.14 3.94
C ILE A 97 -9.45 -6.78 4.10
N ARG A 98 -8.84 -5.93 4.92
CA ARG A 98 -9.21 -4.54 5.04
C ARG A 98 -8.31 -3.73 4.10
N ASP A 99 -8.91 -2.94 3.22
CA ASP A 99 -8.14 -2.22 2.21
C ASP A 99 -7.86 -0.80 2.68
N ALA A 100 -7.24 0.00 1.80
CA ALA A 100 -6.80 1.34 2.16
C ALA A 100 -7.96 2.23 2.57
N ASN A 101 -9.16 1.99 2.04
CA ASN A 101 -10.35 2.74 2.46
C ASN A 101 -10.93 2.22 3.77
N ASP A 102 -10.30 1.21 4.38
CA ASP A 102 -10.78 0.53 5.58
C ASP A 102 -12.08 -0.25 5.35
N ASN A 103 -12.44 -0.54 4.11
CA ASN A 103 -13.50 -1.50 3.84
C ASN A 103 -12.93 -2.91 3.83
N ASP A 104 -13.78 -3.90 4.16
CA ASP A 104 -13.36 -5.26 4.47
C ASP A 104 -13.79 -6.21 3.35
N TRP A 105 -12.83 -6.73 2.59
CA TRP A 105 -13.15 -7.71 1.55
C TRP A 105 -13.32 -9.09 2.17
N ILE A 106 -14.49 -9.66 2.01
CA ILE A 106 -14.81 -10.97 2.56
C ILE A 106 -14.62 -12.00 1.46
N TYR A 107 -13.70 -12.94 1.68
CA TYR A 107 -13.52 -14.08 0.82
C TYR A 107 -14.09 -15.28 1.55
N GLY A 108 -15.14 -15.86 1.00
CA GLY A 108 -15.83 -16.91 1.71
C GLY A 108 -15.82 -18.23 0.99
N HIS A 109 -16.06 -19.32 1.74
CA HIS A 109 -16.17 -20.68 1.22
C HIS A 109 -14.83 -21.23 0.72
N LEU A 110 -13.73 -20.79 1.31
CA LEU A 110 -12.43 -21.33 0.90
C LEU A 110 -12.22 -22.70 1.53
N GLN A 111 -11.44 -23.54 0.84
CA GLN A 111 -11.04 -24.82 1.42
C GLN A 111 -10.36 -24.59 2.75
N ARG A 112 -10.94 -25.17 3.81
CA ARG A 112 -10.43 -24.96 5.14
C ARG A 112 -9.01 -25.51 5.27
N GLY A 113 -8.12 -24.70 5.85
CA GLY A 113 -6.72 -25.03 5.92
C GLY A 113 -5.92 -24.62 4.72
N SER A 114 -6.50 -23.86 3.81
CA SER A 114 -5.80 -23.41 2.61
C SER A 114 -5.28 -21.99 2.72
N MET A 115 -5.53 -21.29 3.82
CA MET A 115 -5.21 -19.87 3.86
C MET A 115 -3.72 -19.67 4.02
N ARG A 116 -3.17 -18.74 3.22
CA ARG A 116 -1.74 -18.48 3.13
C ARG A 116 -1.28 -17.36 4.05
N PHE A 117 -2.20 -16.73 4.77
CA PHE A 117 -1.86 -15.61 5.64
C PHE A 117 -2.60 -15.74 6.95
N VAL A 118 -2.14 -14.99 7.94
CA VAL A 118 -2.76 -14.93 9.26
C VAL A 118 -3.15 -13.49 9.53
N VAL A 119 -4.00 -13.31 10.56
CA VAL A 119 -4.42 -11.99 10.98
C VAL A 119 -3.20 -11.12 11.27
N GLY A 120 -3.18 -9.91 10.72
CA GLY A 120 -2.05 -9.01 10.90
C GLY A 120 -1.12 -8.95 9.70
N ASP A 121 -1.15 -9.96 8.85
CA ASP A 121 -0.31 -9.98 7.65
C ASP A 121 -0.69 -8.86 6.71
N LYS A 122 0.30 -8.40 5.96
CA LYS A 122 0.11 -7.51 4.82
C LYS A 122 0.00 -8.36 3.58
N VAL A 123 -0.87 -7.94 2.65
CA VAL A 123 -1.14 -8.67 1.42
C VAL A 123 -1.09 -7.70 0.26
N ASN A 124 -0.38 -8.08 -0.80
CA ASN A 124 -0.40 -7.31 -2.03
C ASN A 124 -1.51 -7.84 -2.93
N GLN A 125 -2.16 -6.92 -3.66
CA GLN A 125 -3.12 -7.33 -4.67
C GLN A 125 -2.49 -8.38 -5.56
N GLY A 126 -3.23 -9.46 -5.80
CA GLY A 126 -2.76 -10.53 -6.63
C GLY A 126 -2.11 -11.67 -5.87
N ASP A 127 -1.74 -11.45 -4.61
CA ASP A 127 -1.20 -12.54 -3.80
C ASP A 127 -2.23 -13.63 -3.61
N ILE A 128 -1.77 -14.87 -3.67
CA ILE A 128 -2.67 -16.00 -3.49
C ILE A 128 -2.98 -16.13 -2.00
N ILE A 129 -4.27 -16.08 -1.67
CA ILE A 129 -4.71 -16.06 -0.27
C ILE A 129 -5.34 -17.37 0.18
N GLY A 130 -5.56 -18.31 -0.71
CA GLY A 130 -6.24 -19.54 -0.35
C GLY A 130 -6.82 -20.19 -1.59
N LEU A 131 -7.57 -21.27 -1.37
CA LEU A 131 -8.11 -22.06 -2.46
C LEU A 131 -9.63 -21.96 -2.53
N GLN A 132 -10.13 -21.85 -3.74
CA GLN A 132 -11.56 -21.89 -4.02
C GLN A 132 -12.15 -23.21 -3.52
N GLY A 133 -13.35 -23.14 -2.92
CA GLY A 133 -13.98 -24.31 -2.36
C GLY A 133 -15.48 -24.14 -2.13
N ASN A 134 -16.02 -25.02 -1.29
CA ASN A 134 -17.47 -25.05 -1.06
C ASN A 134 -17.79 -25.15 0.43
N SER A 135 -16.81 -24.89 1.30
CA SER A 135 -17.05 -24.93 2.73
C SER A 135 -18.11 -23.91 3.13
N ASN A 136 -18.96 -24.29 4.08
CA ASN A 136 -19.93 -23.37 4.63
C ASN A 136 -20.25 -23.79 6.05
N TYR A 137 -20.89 -22.89 6.80
CA TYR A 137 -21.05 -23.06 8.24
C TYR A 137 -21.66 -24.41 8.59
N TYR A 138 -22.83 -24.72 8.03
CA TYR A 138 -23.57 -25.93 8.34
C TYR A 138 -23.13 -27.11 7.48
N ASP A 139 -22.11 -26.93 6.63
CA ASP A 139 -21.56 -27.98 5.80
C ASP A 139 -22.64 -28.66 4.95
N ASN A 140 -23.45 -27.84 4.30
CA ASN A 140 -24.53 -28.26 3.41
C ASN A 140 -23.99 -28.49 2.01
N PRO A 141 -24.80 -29.09 1.12
CA PRO A 141 -24.43 -29.14 -0.30
C PRO A 141 -24.19 -27.74 -0.87
N MET A 142 -23.10 -27.58 -1.59
CA MET A 142 -22.82 -26.31 -2.23
C MET A 142 -21.87 -26.53 -3.38
N SER A 143 -22.04 -25.71 -4.41
CA SER A 143 -21.13 -25.74 -5.54
C SER A 143 -19.84 -25.01 -5.20
N VAL A 144 -18.72 -25.49 -5.74
CA VAL A 144 -17.44 -24.85 -5.51
C VAL A 144 -17.47 -23.47 -6.16
N HIS A 145 -17.26 -22.43 -5.35
CA HIS A 145 -17.23 -21.07 -5.86
C HIS A 145 -16.59 -20.19 -4.79
N LEU A 146 -16.19 -18.98 -5.21
CA LEU A 146 -15.77 -17.95 -4.29
C LEU A 146 -16.91 -16.96 -4.09
N HIS A 147 -17.27 -16.70 -2.83
CA HIS A 147 -18.15 -15.61 -2.45
C HIS A 147 -17.29 -14.40 -2.07
N LEU A 148 -17.49 -13.29 -2.76
CA LEU A 148 -16.72 -12.07 -2.56
C LEU A 148 -17.69 -10.97 -2.20
N GLN A 149 -17.47 -10.36 -1.04
CA GLN A 149 -18.35 -9.36 -0.49
C GLN A 149 -17.50 -8.23 0.06
N LEU A 150 -17.98 -7.01 -0.10
CA LEU A 150 -17.25 -5.81 0.30
C LEU A 150 -18.03 -5.19 1.46
N ARG A 151 -17.62 -5.53 2.68
CA ARG A 151 -18.34 -5.00 3.83
C ARG A 151 -17.88 -3.59 4.12
N PRO A 152 -18.79 -2.64 4.31
CA PRO A 152 -18.39 -1.23 4.45
C PRO A 152 -17.73 -0.95 5.80
N LYS A 153 -16.97 0.14 5.80
CA LYS A 153 -16.33 0.63 7.03
C LYS A 153 -17.35 0.84 8.15
N ASP A 154 -18.49 1.44 7.84
CA ASP A 154 -19.54 1.75 8.82
C ASP A 154 -20.46 0.57 9.08
N ALA A 155 -20.00 -0.66 8.87
CA ALA A 155 -20.76 -1.82 9.29
C ALA A 155 -20.87 -1.84 10.81
N LYS A 156 -22.09 -1.81 11.30
CA LYS A 156 -22.31 -2.11 12.70
C LYS A 156 -21.63 -3.42 13.13
N LYS A 157 -21.19 -3.46 14.40
CA LYS A 157 -20.57 -4.67 14.95
C LYS A 157 -21.52 -5.81 15.27
N ASP A 158 -22.82 -5.60 15.28
CA ASP A 158 -23.74 -6.72 15.46
C ASP A 158 -23.58 -7.74 14.34
N GLU A 159 -23.88 -9.01 14.66
CA GLU A 159 -23.51 -10.10 13.75
C GLU A 159 -24.20 -10.00 12.40
N LYS A 160 -25.50 -9.67 12.37
CA LYS A 160 -26.16 -9.66 11.07
C LYS A 160 -25.58 -8.57 10.16
N SER A 161 -25.05 -7.48 10.74
CA SER A 161 -24.45 -6.45 9.90
C SER A 161 -23.01 -6.78 9.53
N GLN A 162 -22.34 -7.65 10.28
CA GLN A 162 -21.01 -8.07 9.88
C GLN A 162 -21.04 -9.10 8.78
N VAL A 163 -22.18 -9.77 8.59
CA VAL A 163 -22.32 -10.81 7.59
C VAL A 163 -23.08 -10.31 6.36
N CYS A 164 -24.08 -9.46 6.55
CA CYS A 164 -24.98 -9.13 5.47
C CYS A 164 -24.78 -7.73 4.90
N SER A 165 -24.06 -6.86 5.59
CA SER A 165 -23.78 -5.54 5.02
C SER A 165 -22.86 -5.69 3.81
N GLY A 166 -23.07 -4.80 2.85
CA GLY A 166 -22.29 -4.89 1.63
C GLY A 166 -22.35 -3.64 0.78
N LEU A 167 -21.19 -3.18 0.33
CA LEU A 167 -21.16 -2.13 -0.67
C LEU A 167 -21.45 -2.72 -2.04
N ALA A 168 -21.82 -1.85 -2.97
CA ALA A 168 -22.01 -2.29 -4.35
C ALA A 168 -20.63 -2.37 -4.99
N MET A 169 -20.08 -3.58 -5.05
CA MET A 169 -18.73 -3.75 -5.59
C MET A 169 -18.63 -3.26 -7.02
N GLU A 170 -19.72 -3.35 -7.79
CA GLU A 170 -19.66 -2.96 -9.19
C GLU A 170 -19.49 -1.46 -9.35
N LYS A 171 -19.59 -0.70 -8.26
CA LYS A 171 -19.41 0.75 -8.26
C LYS A 171 -18.16 1.18 -7.49
N TYR A 172 -17.26 0.25 -7.19
CA TYR A 172 -16.15 0.51 -6.27
C TYR A 172 -14.84 0.38 -7.02
N ASP A 173 -14.15 1.50 -7.20
CA ASP A 173 -12.91 1.55 -7.97
C ASP A 173 -11.74 1.04 -7.14
N ILE A 174 -11.00 0.06 -7.67
CA ILE A 174 -9.84 -0.48 -6.98
C ILE A 174 -8.54 -0.07 -7.67
N THR A 175 -8.60 0.84 -8.64
CA THR A 175 -7.43 1.21 -9.44
C THR A 175 -6.27 1.64 -8.56
N ASN A 176 -6.55 2.20 -7.40
CA ASN A 176 -5.54 2.76 -6.52
C ASN A 176 -5.43 2.02 -5.20
N LEU A 177 -5.96 0.80 -5.12
CA LEU A 177 -5.93 0.00 -3.90
C LEU A 177 -4.96 -1.17 -4.02
N ASN A 178 -3.87 -0.98 -4.78
CA ASN A 178 -2.93 -2.04 -5.08
C ASN A 178 -1.52 -1.68 -4.62
N ALA A 179 -1.40 -0.79 -3.64
CA ALA A 179 -0.09 -0.33 -3.19
C ALA A 179 0.75 -1.48 -2.64
N LYS A 180 2.05 -1.42 -2.88
CA LYS A 180 2.98 -2.41 -2.36
C LYS A 180 3.01 -2.36 -0.83
N GLN A 181 2.87 -3.52 -0.20
CA GLN A 181 2.87 -3.58 1.26
C GLN A 181 4.20 -4.07 1.79
N MET B 13 11.98 25.62 16.45
CA MET B 13 12.02 25.17 15.05
C MET B 13 11.83 23.66 14.88
N LEU B 14 11.04 23.24 13.90
CA LEU B 14 10.90 21.82 13.60
C LEU B 14 11.63 21.49 12.31
N THR B 15 12.55 20.52 12.36
CA THR B 15 13.19 20.05 11.14
C THR B 15 12.61 18.72 10.69
N ALA B 16 12.86 18.38 9.42
CA ALA B 16 12.43 17.09 8.89
C ALA B 16 13.03 15.93 9.68
N ILE B 17 14.28 16.10 10.15
CA ILE B 17 14.93 15.08 10.96
C ILE B 17 14.23 14.95 12.32
N ASP B 18 14.00 16.07 13.01
CA ASP B 18 13.23 16.05 14.25
C ASP B 18 11.90 15.37 14.03
N TYR B 19 11.22 15.73 12.95
CA TYR B 19 9.94 15.13 12.59
C TYR B 19 10.04 13.60 12.56
N LEU B 20 11.10 13.07 11.93
CA LEU B 20 11.21 11.63 11.72
C LEU B 20 11.64 10.91 12.99
N THR B 21 12.56 11.48 13.76
CA THR B 21 12.97 10.82 15.00
C THR B 21 11.83 10.76 16.00
N LYS B 22 10.95 11.76 16.02
CA LYS B 22 9.76 11.65 16.86
C LYS B 22 8.89 10.47 16.45
N LYS B 23 8.97 10.06 15.19
CA LYS B 23 8.24 8.89 14.70
C LYS B 23 9.09 7.63 14.73
N GLY B 24 10.16 7.63 15.52
CA GLY B 24 10.96 6.43 15.71
C GLY B 24 12.02 6.18 14.67
N TRP B 25 12.09 7.00 13.61
CA TRP B 25 13.19 6.87 12.67
C TRP B 25 14.53 7.14 13.36
N LYS B 26 15.59 6.53 12.87
CA LYS B 26 16.90 6.74 13.48
C LYS B 26 17.91 7.10 12.40
N ILE B 27 18.98 7.77 12.80
CA ILE B 27 19.92 8.35 11.87
C ILE B 27 21.12 7.43 11.73
N SER B 28 21.36 6.98 10.51
CA SER B 28 22.58 6.22 10.21
C SER B 28 23.72 7.07 9.65
N SER B 29 23.46 8.20 9.01
CA SER B 29 24.55 9.07 8.56
C SER B 29 24.10 10.51 8.69
N ASP B 30 24.93 11.30 9.35
CA ASP B 30 24.52 12.56 9.97
C ASP B 30 25.60 13.58 9.67
N PRO B 31 25.36 14.50 8.75
CA PRO B 31 26.40 15.45 8.34
C PRO B 31 26.94 16.30 9.46
N ARG B 32 26.21 16.43 10.56
CA ARG B 32 26.74 17.12 11.72
C ARG B 32 27.85 16.33 12.40
N THR B 33 28.04 15.08 12.04
CA THR B 33 29.11 14.28 12.61
C THR B 33 30.34 14.20 11.73
N TYR B 34 30.27 14.68 10.48
CA TYR B 34 31.40 14.55 9.58
C TYR B 34 32.51 15.48 10.04
N ASP B 35 33.75 15.11 9.74
CA ASP B 35 34.87 15.89 10.23
C ASP B 35 34.87 17.27 9.57
N GLY B 36 35.09 18.29 10.39
CA GLY B 36 35.13 19.66 9.94
C GLY B 36 33.84 20.43 10.09
N TYR B 37 32.74 19.77 10.41
CA TYR B 37 31.46 20.47 10.53
C TYR B 37 31.58 21.60 11.55
N PRO B 38 31.06 22.79 11.25
CA PRO B 38 30.14 23.10 10.16
C PRO B 38 30.77 23.37 8.78
N LYS B 39 32.08 23.47 8.66
CA LYS B 39 32.60 23.70 7.31
C LYS B 39 32.61 22.43 6.47
N ASN B 40 32.72 22.61 5.15
CA ASN B 40 32.96 21.52 4.19
C ASN B 40 31.82 20.52 4.25
N TYR B 41 30.62 21.08 4.27
CA TYR B 41 29.37 20.39 4.57
C TYR B 41 29.15 19.14 3.72
N GLY B 42 28.69 18.08 4.36
CA GLY B 42 28.38 16.84 3.68
C GLY B 42 29.59 16.01 3.28
N TYR B 43 30.80 16.45 3.56
CA TYR B 43 31.96 15.70 3.09
C TYR B 43 32.07 14.41 3.89
N ARG B 44 31.81 13.28 3.24
CA ARG B 44 31.73 12.01 3.96
C ARG B 44 32.72 10.98 3.45
N ASN B 45 32.81 10.78 2.14
CA ASN B 45 33.73 9.81 1.56
C ASN B 45 33.53 8.44 2.19
N TYR B 46 32.30 7.95 2.11
CA TYR B 46 31.99 6.65 2.69
C TYR B 46 32.28 5.58 1.65
N HIS B 47 33.25 4.73 1.95
CA HIS B 47 33.61 3.64 1.07
C HIS B 47 33.92 2.42 1.91
N GLU B 48 33.55 1.24 1.40
CA GLU B 48 33.89 -0.02 2.05
C GLU B 48 33.74 -1.13 1.03
N ASN B 49 34.44 -2.24 1.27
CA ASN B 49 34.29 -3.45 0.46
C ASN B 49 34.33 -3.13 -1.01
N GLY B 50 35.23 -2.22 -1.40
CA GLY B 50 35.37 -1.90 -2.78
C GLY B 50 34.30 -0.99 -3.37
N ILE B 51 33.23 -0.66 -2.63
CA ILE B 51 32.22 0.30 -3.11
C ILE B 51 32.51 1.68 -2.52
N ASN B 52 32.65 2.70 -3.37
CA ASN B 52 32.78 4.10 -2.95
C ASN B 52 31.40 4.74 -3.10
N TYR B 53 30.72 4.93 -1.97
CA TYR B 53 29.32 5.31 -2.02
C TYR B 53 29.11 6.77 -2.40
N ASP B 54 30.08 7.64 -2.17
CA ASP B 54 29.96 9.05 -2.52
C ASP B 54 30.82 9.41 -3.72
N GLU B 55 31.07 8.45 -4.61
CA GLU B 55 31.96 8.68 -5.75
C GLU B 55 31.38 9.72 -6.71
N PHE B 56 30.11 9.56 -7.07
CA PHE B 56 29.52 10.46 -8.05
C PHE B 56 29.55 11.91 -7.57
N CYS B 57 29.52 12.12 -6.26
CA CYS B 57 29.49 13.45 -5.67
C CYS B 57 30.84 13.85 -5.09
N GLY B 58 31.93 13.30 -5.61
CA GLY B 58 33.25 13.66 -5.11
C GLY B 58 33.37 13.52 -3.61
N GLY B 59 32.75 12.46 -3.05
CA GLY B 59 32.73 12.23 -1.63
C GLY B 59 31.66 12.98 -0.86
N TYR B 60 30.80 13.76 -1.50
CA TYR B 60 29.86 14.56 -0.73
C TYR B 60 28.56 13.81 -0.53
N HIS B 61 27.96 13.98 0.66
CA HIS B 61 26.68 13.35 1.01
C HIS B 61 25.89 14.44 1.75
N ARG B 62 25.23 15.31 0.99
CA ARG B 62 24.66 16.54 1.56
C ARG B 62 23.23 16.30 2.05
N ALA B 63 23.13 15.37 2.99
CA ALA B 63 21.86 14.68 3.21
C ALA B 63 21.94 13.80 4.45
N PHE B 64 20.78 13.30 4.85
CA PHE B 64 20.65 12.41 5.99
C PHE B 64 20.24 11.03 5.48
N ASP B 65 20.94 10.01 5.96
CA ASP B 65 20.49 8.63 5.88
C ASP B 65 19.79 8.29 7.18
N VAL B 66 18.54 7.84 7.10
CA VAL B 66 17.80 7.44 8.27
C VAL B 66 17.16 6.08 8.02
N TYR B 67 16.76 5.41 9.11
CA TYR B 67 16.14 4.10 8.98
C TYR B 67 15.16 3.86 10.11
N SER B 68 14.33 2.84 9.91
CA SER B 68 13.33 2.42 10.89
C SER B 68 13.36 0.91 11.01
N ASN B 69 13.37 0.40 12.23
CA ASN B 69 13.11 -1.00 12.52
C ASN B 69 11.62 -1.28 12.67
N GLU B 70 10.84 -0.25 13.02
CA GLU B 70 9.43 -0.45 13.33
C GLU B 70 8.60 -0.71 12.09
N THR B 71 8.73 0.13 11.06
CA THR B 71 7.99 -0.13 9.84
C THR B 71 8.78 0.35 8.62
N ASN B 72 8.19 0.16 7.45
CA ASN B 72 8.80 0.55 6.20
C ASN B 72 8.03 1.63 5.46
N ASP B 73 6.88 2.07 5.97
CA ASP B 73 6.17 3.18 5.36
C ASP B 73 6.97 4.47 5.52
N VAL B 74 7.24 5.16 4.42
CA VAL B 74 8.01 6.39 4.42
C VAL B 74 7.06 7.58 4.45
N PRO B 75 7.06 8.39 5.50
CA PRO B 75 6.16 9.56 5.54
C PRO B 75 6.79 10.74 4.81
N ALA B 76 5.98 11.44 4.02
CA ALA B 76 6.41 12.73 3.51
C ALA B 76 6.64 13.68 4.68
N VAL B 77 7.79 14.34 4.70
CA VAL B 77 8.11 15.17 5.85
C VAL B 77 7.55 16.57 5.70
N THR B 78 7.25 17.00 4.48
CA THR B 78 6.49 18.20 4.23
C THR B 78 5.43 17.91 3.19
N SER B 79 4.49 18.84 3.08
CA SER B 79 3.54 18.84 1.98
C SER B 79 4.22 19.34 0.70
N GLY B 80 3.56 19.13 -0.42
CA GLY B 80 4.07 19.65 -1.67
C GLY B 80 3.61 18.81 -2.84
N THR B 81 4.36 18.96 -3.93
CA THR B 81 3.99 18.39 -5.22
C THR B 81 5.09 17.44 -5.70
N VAL B 82 4.65 16.29 -6.18
CA VAL B 82 5.56 15.25 -6.66
C VAL B 82 6.09 15.67 -8.02
N ILE B 83 7.41 15.81 -8.14
CA ILE B 83 8.03 16.19 -9.40
C ILE B 83 8.89 15.10 -9.98
N GLU B 84 9.17 14.03 -9.22
CA GLU B 84 9.91 12.88 -9.73
C GLU B 84 9.48 11.64 -8.95
N ALA B 85 9.12 10.59 -9.69
CA ALA B 85 8.71 9.32 -9.09
C ALA B 85 9.29 8.24 -10.00
N ASN B 86 10.59 7.99 -9.81
CA ASN B 86 11.39 7.20 -10.73
C ASN B 86 11.85 5.93 -10.02
N ASP B 87 11.47 4.77 -10.55
CA ASP B 87 11.94 3.52 -9.95
C ASP B 87 13.42 3.30 -10.17
N TYR B 88 14.00 3.93 -11.20
CA TYR B 88 15.38 3.75 -11.61
C TYR B 88 16.08 5.10 -11.73
N GLY B 89 15.91 5.94 -10.71
CA GLY B 89 16.58 7.22 -10.67
C GLY B 89 18.00 7.08 -10.17
N ASN B 90 18.62 8.22 -9.89
CA ASN B 90 20.00 8.21 -9.43
C ASN B 90 20.16 7.62 -8.04
N PHE B 91 19.11 7.70 -7.21
CA PHE B 91 19.08 7.09 -5.89
C PHE B 91 18.25 5.82 -5.89
N GLY B 92 18.41 4.99 -6.91
CA GLY B 92 17.51 3.85 -7.07
C GLY B 92 16.10 4.37 -7.24
N GLY B 93 15.18 3.77 -6.48
CA GLY B 93 13.83 4.28 -6.39
C GLY B 93 13.83 5.65 -5.77
N THR B 94 13.56 6.66 -6.59
CA THR B 94 13.75 8.06 -6.23
C THR B 94 12.40 8.76 -6.31
N PHE B 95 12.00 9.38 -5.20
CA PHE B 95 10.76 10.12 -5.08
C PHE B 95 11.10 11.53 -4.63
N VAL B 96 10.58 12.55 -5.32
CA VAL B 96 10.92 13.93 -5.05
C VAL B 96 9.66 14.79 -4.91
N ILE B 97 9.57 15.48 -3.78
CA ILE B 97 8.50 16.42 -3.47
C ILE B 97 9.09 17.82 -3.48
N ARG B 98 8.44 18.73 -4.18
CA ARG B 98 8.75 20.14 -4.09
C ARG B 98 7.85 20.77 -3.04
N ASP B 99 8.44 21.47 -2.08
CA ASP B 99 7.65 22.03 -1.00
C ASP B 99 7.31 23.47 -1.29
N ALA B 100 6.66 24.10 -0.31
CA ALA B 100 6.15 25.46 -0.51
C ALA B 100 7.27 26.45 -0.82
N ASN B 101 8.50 26.20 -0.34
CA ASN B 101 9.64 27.06 -0.67
C ASN B 101 10.21 26.75 -2.05
N ASP B 102 9.63 25.78 -2.75
CA ASP B 102 10.13 25.26 -4.01
C ASP B 102 11.49 24.54 -3.90
N ASN B 103 11.88 24.13 -2.69
CA ASN B 103 12.99 23.20 -2.53
C ASN B 103 12.51 21.77 -2.73
N ASP B 104 13.42 20.90 -3.16
CA ASP B 104 13.08 19.56 -3.64
C ASP B 104 13.57 18.51 -2.65
N TRP B 105 12.65 17.86 -1.94
CA TRP B 105 12.99 16.81 -1.00
C TRP B 105 13.18 15.51 -1.76
N ILE B 106 14.38 14.95 -1.68
CA ILE B 106 14.73 13.72 -2.40
C ILE B 106 14.58 12.55 -1.45
N TYR B 107 13.67 11.64 -1.76
CA TYR B 107 13.55 10.39 -1.02
C TYR B 107 14.19 9.31 -1.89
N GLY B 108 15.27 8.70 -1.40
CA GLY B 108 16.03 7.79 -2.23
C GLY B 108 16.06 6.37 -1.69
N HIS B 109 16.39 5.41 -2.55
CA HIS B 109 16.52 4.00 -2.20
C HIS B 109 15.20 3.34 -1.79
N LEU B 110 14.07 3.81 -2.31
CA LEU B 110 12.80 3.17 -1.97
C LEU B 110 12.66 1.87 -2.74
N GLN B 111 11.91 0.93 -2.16
CA GLN B 111 11.60 -0.31 -2.85
C GLN B 111 10.93 0.01 -4.17
N ARG B 112 11.53 -0.45 -5.27
CA ARG B 112 11.04 -0.12 -6.60
C ARG B 112 9.62 -0.65 -6.79
N GLY B 113 8.76 0.21 -7.33
CA GLY B 113 7.35 -0.15 -7.48
C GLY B 113 6.50 0.07 -6.24
N SER B 114 7.05 0.68 -5.20
CA SER B 114 6.30 0.93 -3.97
C SER B 114 5.74 2.33 -3.88
N MET B 115 5.97 3.18 -4.87
CA MET B 115 5.62 4.59 -4.76
C MET B 115 4.11 4.78 -4.90
N ARG B 116 3.54 5.58 -4.01
CA ARG B 116 2.09 5.76 -3.91
C ARG B 116 1.57 6.97 -4.68
N PHE B 117 2.43 7.75 -5.32
CA PHE B 117 1.99 8.92 -6.04
C PHE B 117 2.72 8.98 -7.38
N VAL B 118 2.21 9.82 -8.27
CA VAL B 118 2.83 10.06 -9.57
C VAL B 118 3.18 11.54 -9.65
N VAL B 119 4.01 11.87 -10.64
CA VAL B 119 4.40 13.26 -10.87
C VAL B 119 3.16 14.11 -11.08
N GLY B 120 3.08 15.24 -10.38
CA GLY B 120 1.94 16.14 -10.45
C GLY B 120 0.99 16.02 -9.26
N ASP B 121 1.05 14.91 -8.54
CA ASP B 121 0.21 14.70 -7.37
C ASP B 121 0.55 15.67 -6.25
N LYS B 122 -0.46 16.00 -5.47
CA LYS B 122 -0.28 16.72 -4.23
C LYS B 122 -0.17 15.71 -3.10
N VAL B 123 0.70 16.02 -2.14
CA VAL B 123 0.97 15.14 -1.00
C VAL B 123 0.89 15.99 0.26
N ASN B 124 0.17 15.50 1.27
CA ASN B 124 0.19 16.15 2.56
C ASN B 124 1.33 15.58 3.39
N GLN B 125 1.91 16.44 4.23
CA GLN B 125 2.88 15.96 5.18
C GLN B 125 2.33 14.76 5.92
N GLY B 126 3.14 13.71 6.03
CA GLY B 126 2.74 12.49 6.72
C GLY B 126 2.17 11.40 5.85
N ASP B 127 1.78 11.72 4.61
CA ASP B 127 1.31 10.70 3.68
C ASP B 127 2.41 9.69 3.40
N ILE B 128 2.03 8.43 3.29
CA ILE B 128 3.02 7.41 2.96
C ILE B 128 3.29 7.47 1.48
N ILE B 129 4.56 7.65 1.11
CA ILE B 129 4.92 7.84 -0.28
C ILE B 129 5.56 6.61 -0.89
N GLY B 130 5.84 5.59 -0.09
CA GLY B 130 6.53 4.41 -0.57
C GLY B 130 7.16 3.69 0.59
N LEU B 131 7.92 2.67 0.28
CA LEU B 131 8.49 1.81 1.30
C LEU B 131 10.01 1.96 1.34
N GLN B 132 10.54 2.00 2.56
CA GLN B 132 11.98 1.99 2.77
C GLN B 132 12.61 0.76 2.14
N GLY B 133 13.78 0.93 1.55
CA GLY B 133 14.42 -0.14 0.83
C GLY B 133 15.91 0.09 0.69
N ASN B 134 16.53 -0.62 -0.25
CA ASN B 134 17.97 -0.54 -0.43
C ASN B 134 18.36 -0.41 -1.90
N SER B 135 17.40 -0.06 -2.75
CA SER B 135 17.68 0.08 -4.17
C SER B 135 18.70 1.18 -4.42
N ASN B 136 19.56 0.96 -5.40
CA ASN B 136 20.52 1.97 -5.82
C ASN B 136 20.83 1.77 -7.29
N TYR B 137 21.43 2.79 -7.90
CA TYR B 137 21.58 2.79 -9.35
C TYR B 137 22.26 1.52 -9.86
N TYR B 138 23.44 1.19 -9.33
CA TYR B 138 24.19 0.04 -9.82
C TYR B 138 23.79 -1.28 -9.14
N ASP B 139 22.77 -1.26 -8.29
CA ASP B 139 22.28 -2.46 -7.60
C ASP B 139 23.39 -3.16 -6.82
N ASN B 140 24.14 -2.37 -6.05
CA ASN B 140 25.22 -2.87 -5.22
C ASN B 140 24.66 -3.36 -3.89
N PRO B 141 25.45 -4.10 -3.10
CA PRO B 141 25.02 -4.39 -1.73
C PRO B 141 24.79 -3.09 -0.99
N MET B 142 23.65 -3.02 -0.30
CA MET B 142 23.34 -1.81 0.43
C MET B 142 22.42 -2.18 1.57
N SER B 143 22.57 -1.46 2.67
CA SER B 143 21.71 -1.62 3.83
C SER B 143 20.38 -0.92 3.60
N VAL B 144 19.32 -1.47 4.20
CA VAL B 144 18.00 -0.85 4.13
C VAL B 144 18.04 0.49 4.87
N HIS B 145 17.77 1.57 4.15
CA HIS B 145 17.73 2.89 4.79
C HIS B 145 17.04 3.85 3.85
N LEU B 146 16.60 4.96 4.40
CA LEU B 146 16.08 6.05 3.61
C LEU B 146 17.19 7.09 3.50
N HIS B 147 17.51 7.46 2.26
CA HIS B 147 18.36 8.62 1.99
C HIS B 147 17.41 9.81 1.80
N LEU B 148 17.60 10.84 2.62
CA LEU B 148 16.77 12.05 2.61
C LEU B 148 17.66 13.25 2.30
N GLN B 149 17.33 13.97 1.23
CA GLN B 149 18.15 15.07 0.79
C GLN B 149 17.26 16.22 0.37
N LEU B 150 17.70 17.42 0.71
CA LEU B 150 16.94 18.66 0.51
C LEU B 150 17.69 19.48 -0.54
N ARG B 151 17.32 19.29 -1.80
CA ARG B 151 18.01 19.97 -2.89
C ARG B 151 17.46 21.38 -3.03
N PRO B 152 18.32 22.40 -3.12
CA PRO B 152 17.84 23.78 -3.11
C PRO B 152 17.16 24.18 -4.41
N LYS B 153 16.37 25.24 -4.29
CA LYS B 153 15.71 25.85 -5.45
C LYS B 153 16.71 26.25 -6.53
N ASP B 154 17.82 26.87 -6.15
CA ASP B 154 18.82 27.35 -7.09
C ASP B 154 19.85 26.25 -7.52
N ALA B 155 19.49 24.99 -7.41
CA ALA B 155 20.30 23.93 -8.02
C ALA B 155 20.33 24.11 -9.53
N LYS B 156 21.53 24.26 -10.08
CA LYS B 156 21.73 24.20 -11.53
C LYS B 156 21.10 22.92 -12.12
N LYS B 157 20.71 22.96 -13.40
CA LYS B 157 20.16 21.75 -14.06
C LYS B 157 21.21 20.70 -14.41
N ASP B 158 22.50 21.03 -14.33
CA ASP B 158 23.56 20.04 -14.53
C ASP B 158 23.38 18.84 -13.60
N GLU B 159 23.73 17.65 -14.10
CA GLU B 159 23.41 16.43 -13.37
C GLU B 159 24.13 16.35 -12.03
N LYS B 160 25.41 16.71 -11.96
CA LYS B 160 26.06 16.58 -10.67
C LYS B 160 25.42 17.50 -9.65
N SER B 161 24.81 18.60 -10.10
CA SER B 161 24.15 19.49 -9.18
C SER B 161 22.70 19.07 -8.85
N GLN B 162 22.05 18.26 -9.68
CA GLN B 162 20.74 17.76 -9.29
C GLN B 162 20.82 16.60 -8.29
N VAL B 163 21.98 15.93 -8.20
CA VAL B 163 22.16 14.78 -7.33
C VAL B 163 22.92 15.15 -6.07
N CYS B 164 23.87 16.07 -6.16
CA CYS B 164 24.79 16.33 -5.07
C CYS B 164 24.53 17.62 -4.31
N SER B 165 23.74 18.55 -4.85
CA SER B 165 23.42 19.77 -4.12
C SER B 165 22.52 19.47 -2.93
N GLY B 166 22.71 20.22 -1.86
CA GLY B 166 21.92 19.96 -0.66
C GLY B 166 21.93 21.13 0.30
N LEU B 167 20.76 21.50 0.78
CA LEU B 167 20.66 22.45 1.86
C LEU B 167 21.01 21.78 3.18
N ALA B 168 21.38 22.57 4.18
CA ALA B 168 21.64 21.95 5.47
C ALA B 168 20.29 21.66 6.13
N MET B 169 19.82 20.42 6.01
CA MET B 169 18.49 20.10 6.52
C MET B 169 18.37 20.41 8.00
N GLU B 170 19.46 20.30 8.76
CA GLU B 170 19.40 20.49 10.20
C GLU B 170 19.15 21.93 10.58
N LYS B 171 19.19 22.84 9.59
CA LYS B 171 18.92 24.26 9.78
C LYS B 171 17.66 24.73 9.06
N TYR B 172 16.79 23.83 8.64
CA TYR B 172 15.68 24.16 7.75
C TYR B 172 14.36 23.90 8.48
N ASP B 173 13.63 24.97 8.75
CA ASP B 173 12.40 24.88 9.54
C ASP B 173 11.25 24.42 8.66
N ILE B 174 10.58 23.33 9.06
CA ILE B 174 9.41 22.82 8.33
C ILE B 174 8.13 23.06 9.10
N THR B 175 8.17 23.81 10.19
CA THR B 175 7.00 23.98 11.05
C THR B 175 5.76 24.39 10.29
N ASN B 176 5.92 25.15 9.20
CA ASN B 176 4.78 25.67 8.44
C ASN B 176 4.73 25.12 7.02
N LEU B 177 5.39 23.99 6.74
CA LEU B 177 5.41 23.41 5.40
C LEU B 177 4.50 22.21 5.30
N ASN B 178 3.38 22.25 6.04
CA ASN B 178 2.47 21.13 6.21
C ASN B 178 1.06 21.46 5.77
N ALA B 179 0.88 22.45 4.90
CA ALA B 179 -0.46 22.88 4.51
C ALA B 179 -1.24 21.75 3.83
N LYS B 180 -2.54 21.69 4.10
CA LYS B 180 -3.41 20.69 3.49
C LYS B 180 -3.52 20.93 1.98
N GLN B 181 -3.34 19.88 1.19
CA GLN B 181 -3.42 19.99 -0.26
C GLN B 181 -4.81 19.59 -0.76
ZN ZN C . -22.34 -15.66 -2.18
ZN ZN D . 22.47 8.85 1.79
#